data_6V5A
#
_entry.id   6V5A
#
_cell.length_a   145.518
_cell.length_b   145.518
_cell.length_c   242.852
_cell.angle_alpha   90.000
_cell.angle_beta   90.000
_cell.angle_gamma   120.000
#
_symmetry.space_group_name_H-M   'H 3 2'
#
loop_
_entity.id
_entity.type
_entity.pdbx_description
1 polymer 'Calcium-activated potassium channel subunit alpha-1'
2 non-polymer 'CALCIUM ION'
3 non-polymer 'SULFATE ION'
4 water water
#
_entity_poly.entity_id   1
_entity_poly.type   'polypeptide(L)'
_entity_poly.pdbx_seq_one_letter_code
;MGRKHIVVCGHITLESVSNFLKDFLHKDRDDVNVEIVFLHNISPNLELEAPFKRHFTQVEFYQGSVLNPHDLARVKIESA
DACLILANKYCADPDAEDASNIMRVISIKNYHPKIRIITQMLQYHNKAHLLNIPSWNWKEGDDAICLAELKLGFIAQSCL
AQGLSTMLANLFSMRSFIKIEEDTWQKYYLEGVSNEMYTEYLSSAFVGLSFPTVCELCFVKLKLLMIAIEYKSANRESRI
LINPGNHLKIQEGTLGFFIASDAKEVKRAFFYCKACHDDITDPKRIKKCGCKRLEDEQPSTLSPKKKQRNGGMRNSPNTS
PKLMRHDPLLIPGNDQIDNMDSNVKKYDSTGMFHWCAPKEIEKVILTRSEAAMTVLSGHVVVCIFGDVSSALIGLRNLVM
PLRASNFHYHELKHIVFVGSIEYLKREWETLHNFPKVSILPGTPLSRADLRAVNINLCDMCVILSANQNNIDDTSLQDKE
CILASLNIKSMQFDDSIGVLQANSQGFTPPGMDRSSPDNSPVHGMLRQPSITTGVNIPIITELVNDTNVQFLDQDDDDDP
DTELYLTQPFACGTAFAVSVLDSLMSATYFNDNILTLIRTLVTGGATPELEALIAEENALRGGYSTPQTLANRDRCRVAQ
LALLDGPFADLGDGGCYGDLFCKALKTYNMLCFGIYRLRDAHLSTPSQCTKRYVITNPPYEFELVPTDLIFCLMQFDSNS
LEVLFQ
;
_entity_poly.pdbx_strand_id   A
#
# COMPACT_ATOMS: atom_id res chain seq x y z
N LYS A 4 -6.15 -22.64 22.40
CA LYS A 4 -6.66 -21.91 21.20
C LYS A 4 -5.96 -22.37 19.93
N HIS A 5 -6.69 -22.37 18.81
CA HIS A 5 -6.09 -22.70 17.53
C HIS A 5 -6.66 -21.91 16.35
N ILE A 6 -5.84 -21.80 15.31
CA ILE A 6 -6.29 -21.28 14.00
C ILE A 6 -6.08 -22.34 12.93
N VAL A 7 -6.92 -22.31 11.90
CA VAL A 7 -6.79 -23.19 10.74
C VAL A 7 -6.32 -22.37 9.55
N VAL A 8 -5.28 -22.85 8.87
CA VAL A 8 -4.76 -22.22 7.68
C VAL A 8 -4.96 -23.16 6.51
N CYS A 9 -5.54 -22.65 5.41
CA CYS A 9 -5.86 -23.45 4.24
C CYS A 9 -5.66 -22.67 2.93
N GLY A 10 -5.90 -23.34 1.80
CA GLY A 10 -5.76 -22.73 0.48
C GLY A 10 -4.44 -23.14 -0.14
N HIS A 11 -3.62 -22.16 -0.49
CA HIS A 11 -2.34 -22.41 -1.13
C HIS A 11 -1.30 -22.75 -0.07
N ILE A 12 -1.27 -24.03 0.31
CA ILE A 12 -0.37 -24.54 1.35
C ILE A 12 0.82 -25.23 0.70
N THR A 13 1.95 -24.53 0.64
CA THR A 13 3.21 -25.08 0.16
C THR A 13 4.29 -24.92 1.24
N LEU A 14 5.46 -25.49 0.98
CA LEU A 14 6.61 -25.36 1.92
C LEU A 14 6.95 -23.87 1.99
N GLU A 15 6.97 -23.19 0.86
CA GLU A 15 7.19 -21.74 0.81
C GLU A 15 6.18 -20.99 1.68
N SER A 16 4.88 -21.18 1.43
CA SER A 16 3.82 -20.42 2.11
C SER A 16 3.70 -20.76 3.61
N VAL A 17 3.87 -22.03 3.96
CA VAL A 17 3.87 -22.47 5.37
C VAL A 17 4.98 -21.76 6.15
N SER A 18 6.21 -21.83 5.65
CA SER A 18 7.36 -21.23 6.33
C SER A 18 7.24 -19.72 6.42
N ASN A 19 6.88 -19.07 5.31
CA ASN A 19 6.64 -17.62 5.29
C ASN A 19 5.56 -17.19 6.29
N PHE A 20 4.47 -17.96 6.36
CA PHE A 20 3.39 -17.65 7.28
C PHE A 20 3.82 -17.77 8.75
N LEU A 21 4.50 -18.87 9.07
CA LEU A 21 4.95 -19.12 10.45
C LEU A 21 5.94 -18.06 10.91
N LYS A 22 6.85 -17.68 10.02
CA LYS A 22 7.80 -16.58 10.25
C LYS A 22 7.13 -15.27 10.65
N ASP A 23 6.10 -14.88 9.90
CA ASP A 23 5.34 -13.64 10.23
C ASP A 23 4.57 -13.80 11.52
N PHE A 24 3.79 -14.87 11.59
CA PHE A 24 2.87 -15.10 12.68
C PHE A 24 3.59 -15.22 14.03
N LEU A 25 4.66 -16.00 14.07
CA LEU A 25 5.39 -16.25 15.32
C LEU A 25 6.27 -15.07 15.77
N HIS A 26 6.62 -14.17 14.85
CA HIS A 26 7.22 -12.87 15.24
C HIS A 26 6.22 -11.95 15.96
N LYS A 27 4.95 -11.99 15.55
CA LYS A 27 3.93 -11.09 16.10
C LYS A 27 3.20 -11.65 17.31
N ASP A 28 3.04 -12.98 17.38
CA ASP A 28 2.23 -13.61 18.42
C ASP A 28 2.91 -13.50 19.80
N ARG A 29 2.28 -12.81 20.74
CA ARG A 29 2.82 -12.63 22.10
C ARG A 29 2.44 -13.77 23.06
N ASP A 30 1.49 -14.59 22.62
CA ASP A 30 1.00 -15.74 23.41
C ASP A 30 1.07 -16.99 22.52
N ASP A 31 2.25 -17.19 21.91
CA ASP A 31 2.51 -18.33 20.98
C ASP A 31 2.55 -19.67 21.72
N VAL A 32 2.81 -19.64 23.03
CA VAL A 32 2.85 -20.88 23.84
C VAL A 32 1.49 -21.58 23.77
N ASN A 33 0.42 -20.77 23.80
CA ASN A 33 -0.97 -21.28 23.82
C ASN A 33 -1.70 -21.02 22.51
N VAL A 34 -1.02 -21.09 21.38
CA VAL A 34 -1.78 -20.96 20.10
C VAL A 34 -1.36 -22.09 19.15
N GLU A 35 -2.33 -22.88 18.71
CA GLU A 35 -2.02 -24.02 17.82
C GLU A 35 -2.31 -23.61 16.37
N ILE A 36 -1.34 -23.81 15.49
CA ILE A 36 -1.53 -23.48 14.07
C ILE A 36 -1.75 -24.78 13.28
N VAL A 37 -2.97 -24.97 12.80
CA VAL A 37 -3.37 -26.20 12.10
C VAL A 37 -3.49 -25.97 10.60
N PHE A 38 -2.58 -26.56 9.81
CA PHE A 38 -2.63 -26.47 8.35
C PHE A 38 -3.47 -27.59 7.75
N LEU A 39 -4.47 -27.23 6.95
CA LEU A 39 -5.24 -28.19 6.17
C LEU A 39 -4.85 -28.02 4.71
N HIS A 40 -4.39 -29.09 4.06
CA HIS A 40 -3.96 -29.05 2.64
C HIS A 40 -4.48 -30.25 1.85
N ASN A 41 -4.74 -30.03 0.55
CA ASN A 41 -5.55 -30.96 -0.26
C ASN A 41 -4.87 -32.27 -0.65
N ILE A 42 -3.72 -32.18 -1.34
CA ILE A 42 -2.97 -33.37 -1.77
C ILE A 42 -2.33 -34.10 -0.60
N SER A 43 -1.96 -35.36 -0.83
CA SER A 43 -1.34 -36.20 0.19
C SER A 43 -0.02 -35.55 0.59
N PRO A 44 0.39 -35.75 1.90
CA PRO A 44 1.63 -35.06 2.24
C PRO A 44 2.93 -35.76 1.98
N ASN A 45 3.72 -35.17 1.11
CA ASN A 45 5.05 -35.64 0.84
C ASN A 45 5.66 -34.97 2.04
N LEU A 46 6.57 -35.61 2.76
CA LEU A 46 7.11 -34.97 3.95
C LEU A 46 7.98 -33.95 3.34
N GLU A 47 7.29 -32.94 2.81
CA GLU A 47 7.88 -31.85 2.12
C GLU A 47 8.25 -31.08 3.30
N LEU A 48 9.24 -31.62 3.98
CA LEU A 48 9.73 -31.04 5.19
C LEU A 48 8.54 -31.02 6.14
N GLU A 49 7.57 -31.91 5.94
CA GLU A 49 6.43 -31.94 6.84
C GLU A 49 7.03 -32.33 8.17
N ALA A 50 7.99 -33.25 8.12
CA ALA A 50 8.64 -33.70 9.33
C ALA A 50 9.47 -32.64 10.02
N PRO A 51 10.28 -31.85 9.21
CA PRO A 51 11.07 -30.84 9.96
C PRO A 51 10.18 -29.86 10.70
N PHE A 52 9.13 -29.39 10.07
CA PHE A 52 8.27 -28.47 10.77
C PHE A 52 7.85 -29.13 12.07
N LYS A 53 7.61 -30.43 12.07
CA LYS A 53 7.18 -31.12 13.27
C LYS A 53 8.19 -31.08 14.41
N ARG A 54 9.46 -30.87 14.07
CA ARG A 54 10.59 -30.71 15.01
C ARG A 54 10.73 -29.26 15.46
N HIS A 55 10.96 -28.37 14.49
CA HIS A 55 11.16 -26.92 14.74
C HIS A 55 9.99 -26.26 15.50
N PHE A 56 8.76 -26.60 15.10
CA PHE A 56 7.55 -25.98 15.62
C PHE A 56 6.65 -27.06 16.24
N THR A 57 6.56 -27.07 17.57
CA THR A 57 5.78 -28.08 18.29
C THR A 57 4.29 -27.72 18.50
N GLN A 58 3.91 -26.58 17.96
CA GLN A 58 2.50 -26.12 18.00
C GLN A 58 1.96 -25.97 16.57
N VAL A 59 2.54 -26.69 15.61
CA VAL A 59 2.15 -26.66 14.21
C VAL A 59 1.74 -28.07 13.81
N GLU A 60 0.45 -28.27 13.54
CA GLU A 60 -0.10 -29.54 13.09
C GLU A 60 -0.48 -29.47 11.62
N PHE A 61 -0.34 -30.60 10.94
CA PHE A 61 -0.77 -30.73 9.54
C PHE A 61 -1.87 -31.77 9.47
N TYR A 62 -2.82 -31.52 8.57
CA TYR A 62 -3.91 -32.45 8.28
C TYR A 62 -4.08 -32.49 6.78
N GLN A 63 -4.25 -33.68 6.22
CA GLN A 63 -4.58 -33.83 4.81
C GLN A 63 -6.10 -33.76 4.68
N GLY A 64 -6.58 -32.99 3.71
CA GLY A 64 -8.02 -32.81 3.50
C GLY A 64 -8.37 -31.48 2.85
N SER A 65 -9.66 -31.22 2.74
CA SER A 65 -10.19 -30.02 2.10
C SER A 65 -11.20 -29.35 3.01
N VAL A 66 -11.17 -28.01 3.05
CA VAL A 66 -12.23 -27.24 3.73
C VAL A 66 -13.62 -27.34 3.07
N LEU A 67 -13.68 -27.89 1.85
CA LEU A 67 -14.97 -28.23 1.22
C LEU A 67 -15.63 -29.52 1.77
N ASN A 68 -14.87 -30.33 2.50
CA ASN A 68 -15.37 -31.55 3.14
C ASN A 68 -15.78 -31.26 4.60
N PRO A 69 -17.10 -31.36 4.92
CA PRO A 69 -17.52 -31.13 6.30
C PRO A 69 -16.86 -32.01 7.38
N HIS A 70 -16.45 -33.23 7.03
CA HIS A 70 -15.76 -34.12 7.96
C HIS A 70 -14.36 -33.61 8.29
N ASP A 71 -13.65 -33.10 7.28
CA ASP A 71 -12.33 -32.50 7.48
C ASP A 71 -12.39 -31.23 8.34
N LEU A 72 -13.47 -30.47 8.20
CA LEU A 72 -13.72 -29.30 9.06
C LEU A 72 -13.92 -29.71 10.53
N ALA A 73 -14.58 -30.85 10.75
CA ALA A 73 -14.72 -31.43 12.09
C ALA A 73 -13.41 -31.98 12.65
N ARG A 74 -12.60 -32.59 11.80
CA ARG A 74 -11.27 -33.11 12.19
C ARG A 74 -10.29 -32.04 12.67
N VAL A 75 -10.30 -30.87 12.00
CA VAL A 75 -9.48 -29.71 12.44
C VAL A 75 -10.18 -28.79 13.45
N LYS A 76 -11.45 -29.07 13.73
CA LYS A 76 -12.21 -28.39 14.80
C LYS A 76 -12.45 -26.91 14.52
N ILE A 77 -12.99 -26.64 13.32
CA ILE A 77 -13.40 -25.29 12.89
C ILE A 77 -14.40 -24.65 13.85
N GLU A 78 -15.30 -25.46 14.39
CA GLU A 78 -16.32 -24.98 15.35
C GLU A 78 -15.76 -24.21 16.56
N SER A 79 -14.53 -24.56 16.99
CA SER A 79 -13.86 -23.89 18.12
C SER A 79 -12.53 -23.20 17.73
N ALA A 80 -12.29 -23.00 16.44
CA ALA A 80 -11.09 -22.32 15.97
C ALA A 80 -11.25 -20.82 16.14
N ASP A 81 -10.16 -20.15 16.47
CA ASP A 81 -10.18 -18.69 16.65
C ASP A 81 -10.38 -17.99 15.30
N ALA A 82 -9.79 -18.54 14.25
CA ALA A 82 -9.98 -18.03 12.90
C ALA A 82 -9.60 -19.08 11.87
N CYS A 83 -10.13 -18.93 10.66
CA CYS A 83 -9.66 -19.68 9.50
C CYS A 83 -9.06 -18.69 8.48
N LEU A 84 -7.79 -18.90 8.14
CA LEU A 84 -7.09 -18.05 7.20
C LEU A 84 -6.96 -18.79 5.87
N ILE A 85 -7.27 -18.11 4.77
CA ILE A 85 -7.24 -18.72 3.43
C ILE A 85 -6.18 -18.00 2.61
N LEU A 86 -5.10 -18.71 2.30
CA LEU A 86 -4.02 -18.19 1.47
C LEU A 86 -4.35 -18.44 0.01
N ALA A 87 -4.22 -17.40 -0.80
CA ALA A 87 -4.47 -17.51 -2.24
C ALA A 87 -3.20 -17.90 -2.96
N ASN A 88 -3.37 -18.56 -4.11
CA ASN A 88 -2.31 -18.74 -5.07
C ASN A 88 -2.19 -17.44 -5.84
N LYS A 89 -1.28 -16.57 -5.38
CA LYS A 89 -1.17 -15.20 -5.87
C LYS A 89 -0.73 -15.12 -7.34
N TYR A 90 0.01 -16.13 -7.79
CA TYR A 90 0.57 -16.15 -9.14
C TYR A 90 -0.25 -16.98 -10.16
N CYS A 91 -1.46 -17.43 -9.76
CA CYS A 91 -2.38 -18.17 -10.64
C CYS A 91 -2.55 -17.51 -12.01
N ALA A 92 -2.56 -18.31 -13.06
CA ALA A 92 -2.77 -17.81 -14.43
C ALA A 92 -4.19 -17.26 -14.65
N ASP A 93 -5.16 -17.73 -13.86
CA ASP A 93 -6.58 -17.36 -13.97
C ASP A 93 -7.05 -16.83 -12.58
N PRO A 94 -6.85 -15.51 -12.31
CA PRO A 94 -7.25 -14.96 -11.02
C PRO A 94 -8.75 -15.10 -10.68
N ASP A 95 -9.63 -14.97 -11.67
CA ASP A 95 -11.08 -15.18 -11.45
C ASP A 95 -11.39 -16.60 -10.94
N ALA A 96 -10.72 -17.60 -11.50
CA ALA A 96 -10.90 -18.99 -11.07
C ALA A 96 -10.36 -19.18 -9.65
N GLU A 97 -9.21 -18.60 -9.35
CA GLU A 97 -8.63 -18.69 -8.01
C GLU A 97 -9.53 -18.03 -6.98
N ASP A 98 -10.01 -16.83 -7.27
CA ASP A 98 -10.93 -16.12 -6.37
C ASP A 98 -12.23 -16.91 -6.15
N ALA A 99 -12.80 -17.44 -7.24
CA ALA A 99 -14.01 -18.26 -7.12
C ALA A 99 -13.76 -19.48 -6.23
N SER A 100 -12.61 -20.13 -6.36
CA SER A 100 -12.30 -21.30 -5.53
C SER A 100 -12.22 -20.91 -4.04
N ASN A 101 -11.68 -19.72 -3.76
CA ASN A 101 -11.61 -19.25 -2.37
C ASN A 101 -12.94 -18.74 -1.82
N ILE A 102 -13.76 -18.11 -2.67
CA ILE A 102 -15.14 -17.80 -2.27
C ILE A 102 -15.90 -19.09 -1.90
N MET A 103 -15.73 -20.13 -2.71
CA MET A 103 -16.32 -21.44 -2.40
C MET A 103 -15.83 -22.00 -1.05
N ARG A 104 -14.54 -21.81 -0.74
CA ARG A 104 -14.01 -22.19 0.57
C ARG A 104 -14.74 -21.46 1.67
N VAL A 105 -14.92 -20.14 1.52
CA VAL A 105 -15.60 -19.33 2.53
C VAL A 105 -17.04 -19.82 2.73
N ILE A 106 -17.74 -20.07 1.64
CA ILE A 106 -19.12 -20.57 1.67
C ILE A 106 -19.20 -21.89 2.44
N SER A 107 -18.28 -22.81 2.15
CA SER A 107 -18.24 -24.11 2.84
C SER A 107 -17.96 -23.96 4.34
N ILE A 108 -16.94 -23.16 4.67
CA ILE A 108 -16.56 -22.95 6.06
C ILE A 108 -17.72 -22.32 6.84
N LYS A 109 -18.31 -21.26 6.30
CA LYS A 109 -19.44 -20.57 6.92
C LYS A 109 -20.73 -21.42 7.05
N ASN A 110 -20.98 -22.30 6.09
CA ASN A 110 -22.08 -23.27 6.19
C ASN A 110 -21.90 -24.21 7.38
N TYR A 111 -20.67 -24.66 7.61
CA TYR A 111 -20.35 -25.55 8.72
C TYR A 111 -20.49 -24.84 10.08
N HIS A 112 -19.96 -23.63 10.18
CA HIS A 112 -19.99 -22.86 11.43
C HIS A 112 -20.02 -21.36 11.13
N PRO A 113 -21.24 -20.77 11.01
CA PRO A 113 -21.42 -19.37 10.60
C PRO A 113 -20.60 -18.30 11.33
N LYS A 114 -20.30 -18.51 12.60
CA LYS A 114 -19.62 -17.48 13.40
C LYS A 114 -18.08 -17.55 13.39
N ILE A 115 -17.51 -18.51 12.66
CA ILE A 115 -16.04 -18.58 12.46
C ILE A 115 -15.54 -17.29 11.77
N ARG A 116 -14.48 -16.70 12.33
CA ARG A 116 -13.85 -15.52 11.72
C ARG A 116 -12.98 -16.01 10.57
N ILE A 117 -13.16 -15.43 9.40
CA ILE A 117 -12.37 -15.81 8.23
C ILE A 117 -11.56 -14.62 7.74
N ILE A 118 -10.30 -14.86 7.43
CA ILE A 118 -9.44 -13.88 6.76
C ILE A 118 -8.98 -14.52 5.48
N THR A 119 -9.30 -13.89 4.34
CA THR A 119 -8.95 -14.47 3.04
C THR A 119 -8.29 -13.44 2.14
N GLN A 120 -7.38 -13.90 1.30
CA GLN A 120 -6.84 -13.10 0.23
C GLN A 120 -7.77 -13.21 -0.97
N MET A 121 -7.91 -12.11 -1.70
CA MET A 121 -8.63 -12.04 -2.97
C MET A 121 -7.70 -11.35 -3.97
N LEU A 122 -7.57 -11.90 -5.15
CA LEU A 122 -6.68 -11.33 -6.16
C LEU A 122 -7.24 -10.05 -6.76
N GLN A 123 -8.53 -10.05 -7.09
CA GLN A 123 -9.15 -8.94 -7.82
C GLN A 123 -10.28 -8.32 -7.00
N TYR A 124 -10.37 -6.99 -7.07
CA TYR A 124 -11.38 -6.22 -6.35
C TYR A 124 -12.80 -6.67 -6.68
N HIS A 125 -13.11 -6.86 -7.96
CA HIS A 125 -14.47 -7.28 -8.37
C HIS A 125 -14.93 -8.60 -7.74
N ASN A 126 -14.00 -9.51 -7.45
CA ASN A 126 -14.36 -10.76 -6.74
C ASN A 126 -14.55 -10.62 -5.25
N LYS A 127 -13.72 -9.77 -4.64
CA LYS A 127 -13.88 -9.36 -3.24
C LYS A 127 -15.34 -9.00 -2.97
N ALA A 128 -15.93 -8.25 -3.89
CA ALA A 128 -17.32 -7.82 -3.78
C ALA A 128 -18.36 -8.94 -3.65
N HIS A 129 -18.08 -10.12 -4.21
CA HIS A 129 -19.00 -11.27 -4.07
C HIS A 129 -19.16 -11.79 -2.65
N LEU A 130 -18.17 -11.57 -1.78
CA LEU A 130 -18.26 -12.02 -0.38
C LEU A 130 -19.44 -11.39 0.39
N LEU A 131 -19.87 -10.20 -0.01
CA LEU A 131 -21.03 -9.51 0.60
C LEU A 131 -22.37 -10.24 0.40
N ASN A 132 -22.45 -11.12 -0.60
CA ASN A 132 -23.65 -11.94 -0.81
C ASN A 132 -23.68 -13.23 0.00
N ILE A 133 -22.65 -13.48 0.80
CA ILE A 133 -22.64 -14.61 1.73
C ILE A 133 -23.28 -14.07 3.03
N PRO A 134 -24.48 -14.59 3.42
CA PRO A 134 -25.21 -14.03 4.57
C PRO A 134 -24.39 -13.88 5.85
N SER A 135 -23.62 -14.92 6.19
CA SER A 135 -22.82 -14.94 7.41
C SER A 135 -21.46 -14.23 7.31
N TRP A 136 -21.11 -13.68 6.14
CA TRP A 136 -19.91 -12.86 6.01
C TRP A 136 -20.16 -11.54 6.72
N ASN A 137 -19.40 -11.33 7.79
CA ASN A 137 -19.63 -10.16 8.66
C ASN A 137 -18.33 -9.39 8.86
N TRP A 138 -18.09 -8.37 8.03
CA TRP A 138 -16.86 -7.57 8.15
C TRP A 138 -16.81 -6.82 9.49
N LYS A 139 -17.96 -6.39 10.00
CA LYS A 139 -18.04 -5.70 11.31
C LYS A 139 -17.54 -6.60 12.44
N GLU A 140 -17.78 -7.91 12.37
CA GLU A 140 -17.35 -8.90 13.41
C GLU A 140 -15.99 -9.55 13.05
N GLY A 141 -15.15 -8.98 12.19
CA GLY A 141 -13.81 -9.53 11.95
C GLY A 141 -13.53 -10.36 10.71
N ASP A 142 -14.54 -10.58 9.86
CA ASP A 142 -14.30 -11.25 8.56
C ASP A 142 -13.61 -10.25 7.64
N ASP A 143 -12.44 -10.63 7.12
CA ASP A 143 -11.56 -9.71 6.39
C ASP A 143 -11.19 -10.32 5.04
N ALA A 144 -11.21 -9.49 4.00
CA ALA A 144 -10.71 -9.85 2.69
C ALA A 144 -9.54 -8.92 2.35
N ILE A 145 -8.36 -9.49 2.14
CA ILE A 145 -7.18 -8.72 1.75
C ILE A 145 -7.08 -8.79 0.23
N CYS A 146 -7.39 -7.69 -0.43
CA CYS A 146 -7.42 -7.67 -1.90
C CYS A 146 -6.08 -7.23 -2.46
N LEU A 147 -5.41 -8.16 -3.13
CA LEU A 147 -4.03 -7.96 -3.55
C LEU A 147 -3.87 -6.91 -4.66
N ALA A 148 -4.77 -6.91 -5.66
CA ALA A 148 -4.72 -5.89 -6.72
C ALA A 148 -4.96 -4.49 -6.14
N GLU A 149 -5.96 -4.39 -5.26
CA GLU A 149 -6.33 -3.12 -4.63
C GLU A 149 -5.17 -2.53 -3.83
N LEU A 150 -4.55 -3.36 -3.00
CA LEU A 150 -3.47 -2.91 -2.13
C LEU A 150 -2.16 -2.71 -2.85
N LYS A 151 -1.76 -3.67 -3.69
CA LYS A 151 -0.47 -3.51 -4.36
C LYS A 151 -0.45 -2.25 -5.24
N LEU A 152 -1.52 -2.03 -6.01
CA LEU A 152 -1.55 -0.89 -6.93
C LEU A 152 -1.85 0.41 -6.20
N GLY A 153 -2.53 0.32 -5.06
CA GLY A 153 -2.66 1.45 -4.15
C GLY A 153 -1.35 1.91 -3.53
N PHE A 154 -0.55 0.95 -3.06
CA PHE A 154 0.78 1.27 -2.53
C PHE A 154 1.61 1.99 -3.59
N ILE A 155 1.54 1.48 -4.82
CA ILE A 155 2.26 2.05 -5.95
C ILE A 155 1.72 3.44 -6.29
N ALA A 156 0.40 3.59 -6.33
CA ALA A 156 -0.24 4.87 -6.62
C ALA A 156 0.25 5.98 -5.66
N GLN A 157 0.26 5.69 -4.37
CA GLN A 157 0.64 6.69 -3.38
C GLN A 157 2.12 7.00 -3.48
N SER A 158 2.90 6.03 -3.92
CA SER A 158 4.32 6.25 -4.22
C SER A 158 4.58 7.17 -5.44
N CYS A 159 3.60 7.33 -6.33
CA CYS A 159 3.67 8.36 -7.38
C CYS A 159 3.51 9.78 -6.81
N LEU A 160 2.90 9.89 -5.62
CA LEU A 160 2.76 11.17 -4.91
C LEU A 160 3.93 11.41 -3.95
N ALA A 161 4.43 10.34 -3.33
CA ALA A 161 5.60 10.46 -2.46
C ALA A 161 6.43 9.20 -2.56
N GLN A 162 7.47 9.23 -3.38
CA GLN A 162 8.24 7.99 -3.61
C GLN A 162 8.83 7.52 -2.28
N GLY A 163 8.79 6.21 -2.09
CA GLY A 163 9.15 5.59 -0.84
C GLY A 163 7.98 5.24 0.05
N LEU A 164 6.78 5.78 -0.21
CA LEU A 164 5.64 5.47 0.66
C LEU A 164 5.33 3.98 0.72
N SER A 165 5.46 3.28 -0.41
CA SER A 165 5.21 1.83 -0.45
C SER A 165 6.10 1.07 0.52
N THR A 166 7.35 1.49 0.58
CA THR A 166 8.32 0.92 1.52
C THR A 166 7.96 1.24 2.97
N MET A 167 7.61 2.48 3.24
CA MET A 167 7.29 2.86 4.61
C MET A 167 6.10 2.08 5.14
N LEU A 168 5.03 1.99 4.35
CA LEU A 168 3.83 1.28 4.79
C LEU A 168 4.10 -0.19 4.97
N ALA A 169 4.81 -0.78 4.02
CA ALA A 169 5.18 -2.18 4.10
C ALA A 169 5.94 -2.47 5.40
N ASN A 170 6.91 -1.61 5.72
CA ASN A 170 7.70 -1.79 6.93
C ASN A 170 6.95 -1.55 8.24
N LEU A 171 5.78 -0.88 8.20
CA LEU A 171 4.91 -0.74 9.38
C LEU A 171 4.15 -1.98 9.81
N PHE A 172 4.09 -3.00 8.96
CA PHE A 172 3.57 -4.31 9.34
C PHE A 172 4.54 -5.44 8.97
N SER A 173 5.83 -5.12 8.82
CA SER A 173 6.88 -6.12 8.69
C SER A 173 7.09 -6.65 10.08
N MET A 174 7.01 -7.97 10.24
CA MET A 174 7.09 -8.58 11.55
C MET A 174 8.43 -9.25 11.66
N ARG A 175 9.44 -8.41 11.86
CA ARG A 175 10.83 -8.91 12.00
C ARG A 175 11.47 -8.22 13.21
N SER A 176 12.52 -8.84 13.75
CA SER A 176 13.26 -8.32 14.93
C SER A 176 14.06 -7.09 14.53
N PHE A 177 14.13 -6.09 15.41
CA PHE A 177 14.92 -4.88 15.07
C PHE A 177 16.39 -5.33 14.94
N ILE A 178 17.11 -4.87 13.91
CA ILE A 178 18.54 -5.28 13.79
C ILE A 178 19.43 -4.04 13.90
N LYS A 179 20.45 -4.08 14.77
CA LYS A 179 21.28 -2.89 14.98
C LYS A 179 22.59 -2.96 14.22
N ILE A 180 23.07 -1.80 13.77
CA ILE A 180 24.43 -1.65 13.22
C ILE A 180 25.08 -0.39 13.80
N GLU A 181 26.38 -0.46 14.06
CA GLU A 181 27.10 0.56 14.83
C GLU A 181 27.50 1.79 14.00
N GLU A 182 27.94 1.55 12.77
CA GLU A 182 28.55 2.58 11.91
C GLU A 182 27.50 3.55 11.37
N ASP A 183 27.92 4.80 11.13
CA ASP A 183 27.02 5.85 10.60
C ASP A 183 26.89 5.74 9.08
N THR A 184 26.15 4.71 8.64
CA THR A 184 25.81 4.49 7.24
C THR A 184 24.34 4.84 7.05
N TRP A 185 23.90 4.87 5.80
CA TRP A 185 22.48 5.08 5.50
C TRP A 185 21.61 3.95 6.07
N GLN A 186 22.13 2.72 6.02
CA GLN A 186 21.42 1.55 6.55
C GLN A 186 21.03 1.68 8.02
N LYS A 187 21.88 2.34 8.81
CA LYS A 187 21.64 2.55 10.24
C LYS A 187 20.32 3.28 10.50
N TYR A 188 20.15 4.40 9.81
CA TYR A 188 18.97 5.25 9.98
C TYR A 188 17.72 4.65 9.34
N TYR A 189 17.90 3.99 8.20
CA TYR A 189 16.82 3.19 7.59
C TYR A 189 16.31 2.15 8.58
N LEU A 190 17.24 1.42 9.20
CA LEU A 190 16.88 0.33 10.11
C LEU A 190 16.26 0.80 11.44
N GLU A 191 16.66 1.96 11.91
CA GLU A 191 15.97 2.60 13.04
C GLU A 191 14.50 2.87 12.70
N GLY A 192 14.26 3.35 11.48
CA GLY A 192 12.89 3.56 10.99
C GLY A 192 12.08 2.29 10.79
N VAL A 193 12.75 1.21 10.37
CA VAL A 193 12.10 -0.09 10.13
C VAL A 193 11.46 -0.68 11.39
N SER A 194 12.05 -0.41 12.56
CA SER A 194 11.52 -0.94 13.83
C SER A 194 10.10 -0.47 14.19
N ASN A 195 9.61 0.59 13.55
CA ASN A 195 8.26 1.08 13.82
C ASN A 195 7.16 0.15 13.31
N GLU A 196 6.04 0.17 14.03
CA GLU A 196 4.88 -0.63 13.67
C GLU A 196 3.64 0.25 13.88
N MET A 197 2.52 -0.13 13.29
CA MET A 197 1.26 0.54 13.53
C MET A 197 0.49 -0.16 14.65
N TYR A 198 -0.09 0.63 15.53
CA TYR A 198 -0.89 0.15 16.66
C TYR A 198 -2.17 0.94 16.75
N THR A 199 -3.18 0.38 17.41
CA THR A 199 -4.34 1.16 17.80
C THR A 199 -4.49 1.13 19.31
N GLU A 200 -5.05 2.21 19.85
CA GLU A 200 -5.28 2.32 21.29
C GLU A 200 -6.29 3.43 21.54
N TYR A 201 -7.13 3.25 22.54
CA TYR A 201 -8.12 4.26 22.92
C TYR A 201 -7.41 5.46 23.53
N LEU A 202 -7.93 6.64 23.25
CA LEU A 202 -7.36 7.87 23.77
C LEU A 202 -7.85 8.10 25.20
N SER A 203 -6.96 8.59 26.05
CA SER A 203 -7.32 9.00 27.41
C SER A 203 -8.51 9.95 27.43
N SER A 204 -9.40 9.76 28.41
CA SER A 204 -10.50 10.71 28.66
C SER A 204 -10.01 12.15 28.89
N ALA A 205 -8.79 12.32 29.35
CA ALA A 205 -8.16 13.64 29.49
C ALA A 205 -7.96 14.40 28.16
N PHE A 206 -8.01 13.71 27.02
CA PHE A 206 -7.98 14.35 25.69
C PHE A 206 -9.34 14.78 25.16
N VAL A 207 -10.42 14.35 25.81
CA VAL A 207 -11.78 14.61 25.30
C VAL A 207 -12.03 16.11 25.25
N GLY A 208 -12.63 16.56 24.14
CA GLY A 208 -12.88 17.99 23.91
C GLY A 208 -11.76 18.74 23.20
N LEU A 209 -10.53 18.22 23.26
CA LEU A 209 -9.40 18.82 22.55
C LEU A 209 -9.41 18.43 21.07
N SER A 210 -8.77 19.26 20.25
CA SER A 210 -8.70 19.02 18.80
C SER A 210 -7.67 17.94 18.46
N PHE A 211 -7.82 17.30 17.31
CA PHE A 211 -6.85 16.29 16.88
C PHE A 211 -5.43 16.87 16.86
N PRO A 212 -5.23 18.03 16.19
CA PRO A 212 -3.88 18.62 16.16
C PRO A 212 -3.26 18.85 17.54
N THR A 213 -4.05 19.31 18.50
CA THR A 213 -3.58 19.51 19.89
C THR A 213 -3.16 18.17 20.51
N VAL A 214 -4.02 17.17 20.41
CA VAL A 214 -3.75 15.86 20.99
C VAL A 214 -2.56 15.19 20.30
N CYS A 215 -2.51 15.31 18.97
CA CYS A 215 -1.38 14.81 18.17
C CYS A 215 -0.06 15.42 18.60
N GLU A 216 -0.05 16.74 18.83
CA GLU A 216 1.18 17.39 19.32
C GLU A 216 1.55 16.92 20.72
N LEU A 217 0.58 16.83 21.62
CA LEU A 217 0.83 16.30 22.98
C LEU A 217 1.42 14.89 22.93
N CYS A 218 0.83 14.02 22.11
CA CYS A 218 1.37 12.67 21.94
C CYS A 218 2.81 12.69 21.45
N PHE A 219 3.08 13.53 20.46
CA PHE A 219 4.43 13.63 19.90
C PHE A 219 5.46 14.14 20.91
N VAL A 220 5.17 15.26 21.55
CA VAL A 220 6.14 15.94 22.43
C VAL A 220 6.25 15.24 23.79
N LYS A 221 5.13 15.03 24.47
CA LYS A 221 5.12 14.49 25.83
C LYS A 221 5.28 12.97 25.88
N LEU A 222 4.70 12.25 24.92
CA LEU A 222 4.69 10.78 24.95
C LEU A 222 5.60 10.09 23.94
N LYS A 223 6.18 10.85 23.02
CA LYS A 223 7.00 10.29 21.92
C LYS A 223 6.25 9.24 21.11
N LEU A 224 4.96 9.53 20.86
CA LEU A 224 4.08 8.73 20.03
C LEU A 224 3.62 9.55 18.83
N LEU A 225 3.61 8.92 17.66
CA LEU A 225 3.10 9.53 16.43
C LEU A 225 1.68 9.03 16.21
N MET A 226 0.69 9.90 16.40
CA MET A 226 -0.71 9.58 16.15
C MET A 226 -1.09 10.12 14.77
N ILE A 227 -1.58 9.24 13.91
CA ILE A 227 -1.88 9.59 12.52
C ILE A 227 -3.36 9.64 12.17
N ALA A 228 -4.21 9.04 13.00
CA ALA A 228 -5.63 8.92 12.67
C ALA A 228 -6.45 8.60 13.91
N ILE A 229 -7.75 8.86 13.79
CA ILE A 229 -8.72 8.50 14.81
C ILE A 229 -9.96 7.88 14.19
N GLU A 230 -10.69 7.14 15.01
CA GLU A 230 -12.01 6.65 14.65
C GLU A 230 -12.95 6.81 15.84
N TYR A 231 -14.10 7.47 15.62
CA TYR A 231 -15.16 7.56 16.62
C TYR A 231 -15.92 6.25 16.67
N SER A 238 -19.03 4.25 11.96
CA SER A 238 -17.70 4.93 12.14
C SER A 238 -16.80 4.73 10.94
N ARG A 239 -16.01 5.76 10.64
CA ARG A 239 -14.94 5.67 9.64
C ARG A 239 -13.66 6.29 10.19
N ILE A 240 -12.55 5.99 9.51
CA ILE A 240 -11.25 6.45 9.96
C ILE A 240 -10.96 7.85 9.39
N LEU A 241 -10.72 8.81 10.27
CA LEU A 241 -10.29 10.15 9.86
C LEU A 241 -8.77 10.21 9.95
N ILE A 242 -8.12 10.38 8.80
CA ILE A 242 -6.66 10.44 8.75
C ILE A 242 -6.24 11.90 8.87
N ASN A 243 -5.50 12.23 9.92
CA ASN A 243 -5.05 13.60 10.19
C ASN A 243 -6.16 14.67 10.03
N PRO A 244 -7.24 14.53 10.80
CA PRO A 244 -8.32 15.53 10.73
C PRO A 244 -7.84 16.86 11.31
N GLY A 245 -8.44 17.96 10.86
CA GLY A 245 -8.00 19.30 11.20
C GLY A 245 -8.52 19.83 12.53
N ASN A 246 -8.26 21.12 12.75
CA ASN A 246 -8.56 21.83 14.03
C ASN A 246 -9.99 21.68 14.53
N HIS A 247 -10.94 21.60 13.60
CA HIS A 247 -12.37 21.55 13.97
C HIS A 247 -12.83 20.20 14.52
N LEU A 248 -12.03 19.15 14.32
CA LEU A 248 -12.40 17.83 14.83
C LEU A 248 -11.85 17.60 16.24
N LYS A 249 -12.77 17.43 17.18
CA LYS A 249 -12.45 17.27 18.61
C LYS A 249 -12.59 15.82 19.02
N ILE A 250 -11.74 15.39 19.94
CA ILE A 250 -11.75 14.03 20.46
C ILE A 250 -12.98 13.83 21.34
N GLN A 251 -13.73 12.77 21.08
CA GLN A 251 -14.91 12.40 21.86
C GLN A 251 -14.58 11.23 22.77
N GLU A 252 -15.50 10.88 23.68
CA GLU A 252 -15.27 9.73 24.57
C GLU A 252 -15.22 8.45 23.73
N GLY A 253 -14.30 7.57 24.06
CA GLY A 253 -14.15 6.30 23.35
C GLY A 253 -13.64 6.45 21.91
N THR A 254 -12.76 7.42 21.69
CA THR A 254 -12.11 7.58 20.39
C THR A 254 -10.93 6.62 20.31
N LEU A 255 -10.85 5.87 19.22
CA LEU A 255 -9.70 4.98 18.96
C LEU A 255 -8.66 5.76 18.16
N GLY A 256 -7.42 5.72 18.63
CA GLY A 256 -6.29 6.33 17.94
C GLY A 256 -5.45 5.30 17.21
N PHE A 257 -4.87 5.73 16.09
CA PHE A 257 -3.95 4.93 15.28
C PHE A 257 -2.58 5.55 15.42
N PHE A 258 -1.60 4.73 15.79
CA PHE A 258 -0.28 5.21 16.16
C PHE A 258 0.81 4.48 15.41
N ILE A 259 1.92 5.18 15.23
CA ILE A 259 3.15 4.59 14.74
C ILE A 259 4.16 4.69 15.89
N ALA A 260 4.71 3.56 16.32
CA ALA A 260 5.71 3.51 17.41
C ALA A 260 6.63 2.28 17.34
N SER A 261 7.69 2.31 18.15
CA SER A 261 8.67 1.21 18.24
C SER A 261 8.22 0.00 19.04
N ASP A 262 7.40 0.20 20.07
CA ASP A 262 6.85 -0.90 20.84
C ASP A 262 5.49 -0.56 21.42
N ALA A 263 4.70 -1.62 21.62
CA ALA A 263 3.33 -1.51 22.12
C ALA A 263 3.23 -0.85 23.51
N LYS A 264 4.25 -1.05 24.35
CA LYS A 264 4.30 -0.47 25.70
C LYS A 264 4.17 1.06 25.70
N GLU A 265 4.90 1.72 24.80
CA GLU A 265 4.83 3.17 24.65
C GLU A 265 3.41 3.65 24.32
N VAL A 266 2.71 2.89 23.48
CA VAL A 266 1.38 3.29 22.98
C VAL A 266 0.35 3.35 24.11
N LYS A 267 0.55 2.55 25.17
CA LYS A 267 -0.34 2.59 26.33
C LYS A 267 -0.40 3.95 27.02
N ARG A 268 0.67 4.73 26.94
CA ARG A 268 0.67 6.10 27.46
C ARG A 268 -0.46 6.97 26.92
N ALA A 269 -0.88 6.75 25.66
CA ALA A 269 -1.99 7.50 25.06
C ALA A 269 -3.35 7.27 25.73
N PHE A 270 -3.55 6.09 26.30
CA PHE A 270 -4.77 5.77 27.04
C PHE A 270 -4.69 6.25 28.49
N PHE A 271 -3.52 6.09 29.12
CA PHE A 271 -3.33 6.43 30.54
C PHE A 271 -2.83 7.86 30.81
N TYR A 272 -2.76 8.70 29.76
CA TYR A 272 -2.31 10.09 29.93
C TYR A 272 -3.19 10.86 30.91
N CYS A 273 -2.55 11.51 31.88
CA CYS A 273 -3.23 12.35 32.89
C CYS A 273 -2.66 13.76 32.87
N LYS A 274 -3.56 14.75 32.81
CA LYS A 274 -3.24 16.16 33.10
C LYS A 274 -2.20 16.75 32.16
N ASP A 341 -20.48 23.43 -14.22
CA ASP A 341 -20.11 22.55 -13.07
C ASP A 341 -21.30 21.93 -12.32
N SER A 342 -22.41 22.68 -12.22
CA SER A 342 -23.65 22.21 -11.58
C SER A 342 -24.46 21.28 -12.50
N ASN A 343 -24.56 21.64 -13.78
CA ASN A 343 -25.20 20.79 -14.80
C ASN A 343 -24.36 19.59 -15.27
N VAL A 344 -23.04 19.62 -15.01
CA VAL A 344 -22.12 18.58 -15.46
C VAL A 344 -21.72 17.66 -14.31
N LYS A 345 -21.67 16.37 -14.59
CA LYS A 345 -21.18 15.37 -13.64
C LYS A 345 -19.65 15.35 -13.72
N LYS A 346 -18.99 15.76 -12.64
CA LYS A 346 -17.52 15.82 -12.55
C LYS A 346 -16.92 14.85 -11.54
N TYR A 347 -17.77 14.17 -10.77
CA TYR A 347 -17.37 13.25 -9.73
C TYR A 347 -18.30 12.04 -9.73
N ASP A 348 -17.87 10.97 -9.08
CA ASP A 348 -18.74 9.81 -8.86
C ASP A 348 -19.88 10.21 -7.91
N SER A 349 -20.92 9.40 -7.83
CA SER A 349 -22.12 9.72 -7.02
C SER A 349 -21.85 10.04 -5.54
N THR A 350 -20.78 9.47 -4.96
CA THR A 350 -20.37 9.80 -3.58
C THR A 350 -19.54 11.08 -3.45
N GLY A 351 -18.93 11.53 -4.56
CA GLY A 351 -18.08 12.71 -4.58
C GLY A 351 -16.66 12.42 -4.11
N MET A 352 -16.28 11.13 -4.13
CA MET A 352 -14.96 10.69 -3.63
C MET A 352 -13.90 10.63 -4.72
N PHE A 353 -14.32 10.60 -5.98
CA PHE A 353 -13.39 10.47 -7.10
C PHE A 353 -13.82 11.32 -8.28
N HIS A 354 -12.84 11.86 -9.00
CA HIS A 354 -13.07 12.56 -10.26
C HIS A 354 -13.62 11.57 -11.28
N TRP A 355 -14.51 12.06 -12.14
CA TRP A 355 -15.27 11.22 -13.06
C TRP A 355 -15.56 12.01 -14.32
N CYS A 356 -15.51 11.32 -15.45
CA CYS A 356 -15.93 11.89 -16.75
C CYS A 356 -16.78 10.88 -17.52
N ALA A 357 -17.52 11.39 -18.49
CA ALA A 357 -18.41 10.56 -19.31
C ALA A 357 -17.58 9.52 -20.07
N PRO A 358 -18.11 8.29 -20.23
CA PRO A 358 -17.28 7.23 -20.81
C PRO A 358 -16.77 7.57 -22.21
N LYS A 359 -15.46 7.49 -22.40
CA LYS A 359 -14.85 7.75 -23.70
C LYS A 359 -14.55 6.42 -24.41
N GLU A 360 -14.73 6.41 -25.73
CA GLU A 360 -14.29 5.28 -26.55
C GLU A 360 -12.77 5.31 -26.58
N ILE A 361 -12.16 4.12 -26.58
CA ILE A 361 -10.70 4.02 -26.46
C ILE A 361 -9.93 4.77 -27.56
N GLU A 362 -10.55 4.89 -28.75
CA GLU A 362 -9.95 5.62 -29.89
C GLU A 362 -9.64 7.08 -29.54
N LYS A 363 -10.44 7.68 -28.67
CA LYS A 363 -10.23 9.07 -28.21
C LYS A 363 -8.94 9.26 -27.40
N VAL A 364 -8.45 8.21 -26.73
CA VAL A 364 -7.25 8.33 -25.87
C VAL A 364 -5.97 7.70 -26.45
N ILE A 365 -6.09 6.98 -27.57
CA ILE A 365 -4.93 6.33 -28.20
C ILE A 365 -4.11 7.39 -28.93
N LEU A 366 -2.81 7.40 -28.64
CA LEU A 366 -1.85 8.25 -29.33
C LEU A 366 -0.97 7.39 -30.23
N THR A 367 -0.54 7.95 -31.36
CA THR A 367 0.61 7.41 -32.09
C THR A 367 1.86 8.00 -31.47
N ARG A 368 3.01 7.43 -31.83
CA ARG A 368 4.31 7.92 -31.36
C ARG A 368 4.55 9.38 -31.79
N SER A 369 4.17 9.70 -33.03
CA SER A 369 4.26 11.07 -33.54
C SER A 369 3.33 12.02 -32.77
N GLU A 370 2.08 11.59 -32.57
CA GLU A 370 1.11 12.41 -31.81
C GLU A 370 1.57 12.68 -30.37
N ALA A 371 2.12 11.65 -29.71
CA ALA A 371 2.65 11.78 -28.36
C ALA A 371 3.86 12.72 -28.29
N ALA A 372 4.72 12.65 -29.30
CA ALA A 372 5.90 13.51 -29.38
C ALA A 372 5.58 15.00 -29.54
N MET A 373 4.44 15.32 -30.15
CA MET A 373 4.02 16.73 -30.33
C MET A 373 3.63 17.43 -29.02
N THR A 374 3.01 16.70 -28.08
CA THR A 374 2.63 17.24 -26.77
C THR A 374 3.68 16.90 -25.71
N VAL A 375 4.42 17.90 -25.26
CA VAL A 375 5.38 17.72 -24.16
C VAL A 375 4.61 17.58 -22.85
N LEU A 376 4.75 16.42 -22.20
CA LEU A 376 4.21 16.20 -20.85
C LEU A 376 5.33 16.24 -19.83
N SER A 377 5.01 16.79 -18.67
CA SER A 377 5.89 16.70 -17.51
C SER A 377 5.04 16.59 -16.25
N GLY A 378 5.65 16.07 -15.18
CA GLY A 378 4.93 15.80 -13.94
C GLY A 378 3.92 14.67 -14.06
N HIS A 379 4.07 13.82 -15.07
CA HIS A 379 3.06 12.81 -15.42
C HIS A 379 3.50 11.45 -14.93
N VAL A 380 2.59 10.49 -14.98
CA VAL A 380 2.90 9.10 -14.62
C VAL A 380 2.88 8.27 -15.89
N VAL A 381 4.03 7.67 -16.20
CA VAL A 381 4.14 6.73 -17.31
C VAL A 381 4.01 5.32 -16.72
N VAL A 382 3.06 4.54 -17.23
CA VAL A 382 2.84 3.18 -16.75
C VAL A 382 3.22 2.21 -17.86
N CYS A 383 4.32 1.50 -17.65
CA CYS A 383 4.85 0.52 -18.59
C CYS A 383 4.27 -0.84 -18.26
N ILE A 384 3.55 -1.42 -19.22
CA ILE A 384 2.86 -2.69 -19.03
C ILE A 384 3.45 -3.74 -19.98
N PHE A 385 4.00 -4.80 -19.40
CA PHE A 385 4.35 -6.01 -20.16
C PHE A 385 3.17 -6.96 -20.12
N GLY A 386 2.74 -7.38 -21.30
CA GLY A 386 1.55 -8.21 -21.43
C GLY A 386 1.04 -8.18 -22.84
N ASP A 387 0.32 -9.21 -23.21
CA ASP A 387 -0.21 -9.37 -24.55
C ASP A 387 -1.69 -9.66 -24.38
N VAL A 388 -2.38 -9.83 -25.50
CA VAL A 388 -3.83 -10.06 -25.53
C VAL A 388 -4.30 -11.22 -24.62
N SER A 389 -3.47 -12.24 -24.44
CA SER A 389 -3.86 -13.40 -23.65
C SER A 389 -3.55 -13.31 -22.14
N SER A 390 -2.80 -12.28 -21.71
CA SER A 390 -2.40 -12.14 -20.31
C SER A 390 -3.60 -11.98 -19.39
N ALA A 391 -3.48 -12.45 -18.15
CA ALA A 391 -4.50 -12.18 -17.14
C ALA A 391 -4.55 -10.66 -16.89
N LEU A 392 -5.75 -10.14 -16.65
CA LEU A 392 -5.93 -8.71 -16.35
C LEU A 392 -5.35 -8.35 -14.99
N ILE A 393 -4.62 -7.23 -14.96
CA ILE A 393 -4.05 -6.69 -13.73
C ILE A 393 -5.14 -6.06 -12.83
N GLY A 394 -6.05 -5.30 -13.44
CA GLY A 394 -7.01 -4.48 -12.71
C GLY A 394 -6.42 -3.10 -12.53
N LEU A 395 -6.17 -2.43 -13.65
CA LEU A 395 -5.44 -1.16 -13.64
C LEU A 395 -6.20 0.00 -12.99
N ARG A 396 -7.53 -0.12 -12.86
CA ARG A 396 -8.29 0.85 -12.08
C ARG A 396 -7.79 1.00 -10.62
N ASN A 397 -7.19 -0.06 -10.06
CA ASN A 397 -6.63 0.01 -8.71
C ASN A 397 -5.43 0.96 -8.60
N LEU A 398 -4.77 1.21 -9.73
CA LEU A 398 -3.70 2.21 -9.81
C LEU A 398 -4.28 3.59 -10.11
N VAL A 399 -5.18 3.67 -11.08
CA VAL A 399 -5.70 4.95 -11.56
C VAL A 399 -6.63 5.62 -10.56
N MET A 400 -7.52 4.84 -9.93
CA MET A 400 -8.54 5.41 -9.05
C MET A 400 -7.98 6.26 -7.88
N PRO A 401 -6.98 5.75 -7.12
CA PRO A 401 -6.37 6.59 -6.08
C PRO A 401 -5.73 7.87 -6.60
N LEU A 402 -5.20 7.82 -7.83
CA LEU A 402 -4.67 9.01 -8.49
C LEU A 402 -5.77 9.94 -9.03
N ARG A 403 -7.04 9.58 -8.86
CA ARG A 403 -8.18 10.40 -9.23
C ARG A 403 -9.09 10.70 -8.05
N ALA A 404 -8.55 10.60 -6.84
CA ALA A 404 -9.30 10.96 -5.63
C ALA A 404 -9.77 12.44 -5.70
N SER A 405 -10.97 12.70 -5.20
CA SER A 405 -11.58 14.04 -5.28
C SER A 405 -10.90 15.08 -4.39
N ASN A 406 -10.04 14.65 -3.48
CA ASN A 406 -9.25 15.58 -2.67
C ASN A 406 -8.01 16.09 -3.38
N PHE A 407 -7.85 15.77 -4.66
CA PHE A 407 -6.94 16.48 -5.56
C PHE A 407 -7.73 17.49 -6.38
N HIS A 408 -7.10 18.64 -6.68
CA HIS A 408 -7.69 19.59 -7.63
C HIS A 408 -7.52 19.09 -9.04
N TYR A 409 -8.50 19.39 -9.90
CA TYR A 409 -8.50 18.88 -11.28
C TYR A 409 -7.17 19.18 -11.97
N HIS A 410 -6.71 20.42 -11.82
CA HIS A 410 -5.46 20.88 -12.42
C HIS A 410 -4.20 20.17 -11.93
N GLU A 411 -4.20 19.68 -10.69
CA GLU A 411 -3.04 18.97 -10.17
C GLU A 411 -3.08 17.44 -10.44
N LEU A 412 -4.15 16.93 -11.06
CA LEU A 412 -4.22 15.51 -11.39
C LEU A 412 -3.06 15.13 -12.30
N LYS A 413 -2.37 14.03 -11.98
CA LYS A 413 -1.26 13.60 -12.82
C LYS A 413 -1.82 12.89 -14.05
N HIS A 414 -1.38 13.35 -15.24
CA HIS A 414 -1.71 12.68 -16.48
C HIS A 414 -1.10 11.27 -16.42
N ILE A 415 -1.86 10.27 -16.83
CA ILE A 415 -1.41 8.89 -16.81
C ILE A 415 -1.32 8.44 -18.27
N VAL A 416 -0.14 7.97 -18.67
CA VAL A 416 0.08 7.46 -20.02
C VAL A 416 0.51 6.00 -19.94
N PHE A 417 -0.31 5.10 -20.46
CA PHE A 417 0.05 3.68 -20.53
C PHE A 417 0.85 3.38 -21.79
N VAL A 418 1.95 2.66 -21.63
CA VAL A 418 2.76 2.20 -22.76
C VAL A 418 2.75 0.68 -22.74
N GLY A 419 2.20 0.09 -23.78
CA GLY A 419 2.11 -1.37 -23.89
C GLY A 419 1.19 -1.82 -25.01
N SER A 420 0.80 -3.08 -24.96
CA SER A 420 -0.04 -3.70 -25.98
C SER A 420 -1.45 -3.13 -25.95
N ILE A 421 -1.89 -2.54 -27.06
CA ILE A 421 -3.25 -2.02 -27.17
C ILE A 421 -4.33 -3.10 -27.04
N GLU A 422 -4.06 -4.31 -27.53
CA GLU A 422 -5.03 -5.41 -27.39
C GLU A 422 -5.12 -5.89 -25.94
N TYR A 423 -4.04 -5.79 -25.17
CA TYR A 423 -4.13 -5.97 -23.71
C TYR A 423 -4.93 -4.83 -23.08
N LEU A 424 -4.49 -3.60 -23.34
CA LEU A 424 -5.06 -2.42 -22.70
C LEU A 424 -6.52 -2.17 -23.06
N LYS A 425 -6.95 -2.59 -24.26
CA LYS A 425 -8.38 -2.57 -24.62
C LYS A 425 -9.24 -3.37 -23.65
N ARG A 426 -8.71 -4.46 -23.11
CA ARG A 426 -9.47 -5.29 -22.18
C ARG A 426 -9.60 -4.67 -20.77
N GLU A 427 -8.69 -3.75 -20.41
CA GLU A 427 -8.75 -2.99 -19.14
C GLU A 427 -9.63 -1.73 -19.24
N TRP A 428 -9.84 -1.24 -20.47
CA TRP A 428 -10.43 0.07 -20.72
C TRP A 428 -11.84 0.25 -20.18
N GLU A 429 -12.64 -0.81 -20.14
CA GLU A 429 -14.02 -0.77 -19.60
C GLU A 429 -14.09 -0.20 -18.18
N THR A 430 -13.11 -0.52 -17.33
CA THR A 430 -13.12 -0.01 -15.97
C THR A 430 -12.22 1.21 -15.77
N LEU A 431 -11.59 1.69 -16.85
CA LEU A 431 -10.81 2.94 -16.84
C LEU A 431 -11.47 4.12 -17.57
N HIS A 432 -12.54 3.86 -18.32
CA HIS A 432 -13.04 4.85 -19.29
C HIS A 432 -13.75 6.07 -18.67
N ASN A 433 -14.02 6.04 -17.37
CA ASN A 433 -14.58 7.19 -16.64
C ASN A 433 -13.56 8.06 -15.89
N PHE A 434 -12.26 7.80 -16.08
CA PHE A 434 -11.21 8.60 -15.44
C PHE A 434 -10.63 9.61 -16.40
N PRO A 435 -10.57 10.91 -16.00
CA PRO A 435 -9.98 11.90 -16.90
C PRO A 435 -8.46 11.78 -17.03
N LYS A 436 -7.92 12.37 -18.10
CA LYS A 436 -6.47 12.55 -18.30
C LYS A 436 -5.68 11.24 -18.34
N VAL A 437 -6.24 10.25 -19.03
CA VAL A 437 -5.61 8.97 -19.29
C VAL A 437 -5.35 8.83 -20.79
N SER A 438 -4.10 8.54 -21.16
CA SER A 438 -3.69 8.27 -22.54
C SER A 438 -3.07 6.89 -22.68
N ILE A 439 -3.05 6.37 -23.91
CA ILE A 439 -2.42 5.09 -24.24
C ILE A 439 -1.57 5.27 -25.48
N LEU A 440 -0.27 4.94 -25.37
CA LEU A 440 0.60 4.81 -26.51
C LEU A 440 0.79 3.31 -26.78
N PRO A 441 0.17 2.77 -27.86
CA PRO A 441 0.46 1.40 -28.25
C PRO A 441 1.93 1.25 -28.58
N GLY A 442 2.58 0.25 -28.01
CA GLY A 442 4.00 0.06 -28.18
C GLY A 442 4.54 -0.84 -27.10
N THR A 443 5.78 -0.62 -26.70
CA THR A 443 6.43 -1.46 -25.70
C THR A 443 7.31 -0.62 -24.80
N PRO A 444 7.38 -0.99 -23.50
CA PRO A 444 8.29 -0.30 -22.59
C PRO A 444 9.76 -0.37 -22.97
N LEU A 445 10.16 -1.38 -23.75
CA LEU A 445 11.55 -1.50 -24.18
C LEU A 445 11.94 -0.58 -25.35
N SER A 446 10.97 0.08 -25.98
CA SER A 446 11.25 0.98 -27.10
C SER A 446 11.67 2.37 -26.62
N ARG A 447 12.93 2.71 -26.85
CA ARG A 447 13.43 4.06 -26.53
C ARG A 447 12.65 5.18 -27.25
N ALA A 448 12.19 4.91 -28.48
CA ALA A 448 11.41 5.88 -29.25
C ALA A 448 10.04 6.16 -28.61
N ASP A 449 9.35 5.11 -28.18
CA ASP A 449 8.12 5.26 -27.40
C ASP A 449 8.35 6.07 -26.12
N LEU A 450 9.40 5.73 -25.38
CA LEU A 450 9.71 6.39 -24.11
C LEU A 450 10.07 7.87 -24.32
N ARG A 451 10.83 8.16 -25.37
CA ARG A 451 11.14 9.55 -25.74
C ARG A 451 9.88 10.31 -26.12
N ALA A 452 9.01 9.69 -26.91
CA ALA A 452 7.74 10.29 -27.31
C ALA A 452 6.89 10.73 -26.11
N VAL A 453 6.85 9.90 -25.05
CA VAL A 453 6.08 10.24 -23.83
C VAL A 453 6.90 10.95 -22.75
N ASN A 454 8.04 11.53 -23.11
CA ASN A 454 8.83 12.38 -22.20
C ASN A 454 9.19 11.69 -20.88
N ILE A 455 9.73 10.48 -20.98
CA ILE A 455 10.10 9.66 -19.82
C ILE A 455 11.01 10.42 -18.83
N ASN A 456 11.91 11.26 -19.37
CA ASN A 456 12.82 12.04 -18.54
C ASN A 456 12.13 13.16 -17.73
N LEU A 457 10.94 13.58 -18.12
CA LEU A 457 10.17 14.62 -17.40
C LEU A 457 9.04 14.10 -16.49
N CYS A 458 8.82 12.78 -16.43
CA CYS A 458 7.71 12.22 -15.65
C CYS A 458 7.96 12.34 -14.14
N ASP A 459 6.88 12.39 -13.36
CA ASP A 459 6.98 12.29 -11.89
C ASP A 459 7.21 10.86 -11.43
N MET A 460 6.75 9.88 -12.20
CA MET A 460 7.04 8.48 -11.91
C MET A 460 6.85 7.63 -13.14
N CYS A 461 7.74 6.66 -13.31
CA CYS A 461 7.58 5.58 -14.26
C CYS A 461 7.26 4.31 -13.47
N VAL A 462 6.09 3.74 -13.69
CA VAL A 462 5.67 2.50 -13.03
C VAL A 462 5.83 1.34 -14.04
N ILE A 463 6.55 0.29 -13.63
CA ILE A 463 6.81 -0.86 -14.51
C ILE A 463 6.14 -2.10 -13.92
N LEU A 464 5.14 -2.61 -14.64
CA LEU A 464 4.35 -3.77 -14.24
C LEU A 464 4.36 -4.85 -15.31
N SER A 465 4.16 -6.08 -14.88
CA SER A 465 3.93 -7.20 -15.78
C SER A 465 2.56 -7.80 -15.49
N ALA A 466 1.81 -8.10 -16.53
CA ALA A 466 0.56 -8.85 -16.41
C ALA A 466 0.88 -10.34 -16.26
N ASN A 467 -0.04 -11.09 -15.67
CA ASN A 467 0.19 -12.51 -15.33
C ASN A 467 0.09 -13.43 -16.57
N GLN A 468 1.04 -14.37 -16.67
CA GLN A 468 1.06 -15.41 -17.72
C GLN A 468 0.72 -16.78 -17.13
N ASP A 478 10.03 -11.08 -14.43
CA ASP A 478 10.86 -9.98 -13.88
C ASP A 478 11.94 -9.48 -14.83
N LYS A 479 12.40 -10.31 -15.76
CA LYS A 479 13.52 -9.95 -16.63
C LYS A 479 13.14 -8.86 -17.61
N GLU A 480 11.93 -8.92 -18.14
CA GLU A 480 11.40 -7.85 -18.96
C GLU A 480 11.33 -6.52 -18.19
N CYS A 481 10.77 -6.60 -16.98
CA CYS A 481 10.62 -5.41 -16.12
C CYS A 481 11.97 -4.79 -15.76
N ILE A 482 12.91 -5.64 -15.33
CA ILE A 482 14.25 -5.19 -14.97
C ILE A 482 14.95 -4.58 -16.17
N LEU A 483 14.88 -5.26 -17.31
CA LEU A 483 15.46 -4.75 -18.55
C LEU A 483 14.94 -3.36 -18.90
N ALA A 484 13.64 -3.13 -18.71
CA ALA A 484 13.03 -1.83 -19.01
C ALA A 484 13.62 -0.69 -18.17
N SER A 485 13.85 -0.92 -16.88
CA SER A 485 14.46 0.11 -16.03
C SER A 485 15.93 0.34 -16.38
N LEU A 486 16.66 -0.73 -16.67
CA LEU A 486 18.06 -0.61 -17.10
C LEU A 486 18.16 0.18 -18.39
N ASN A 487 17.23 -0.10 -19.31
CA ASN A 487 17.16 0.62 -20.57
C ASN A 487 16.89 2.12 -20.38
N ILE A 488 15.91 2.44 -19.55
CA ILE A 488 15.60 3.86 -19.20
C ILE A 488 16.81 4.56 -18.58
N LYS A 489 17.43 3.90 -17.60
CA LYS A 489 18.60 4.48 -16.90
C LYS A 489 19.75 4.87 -17.83
N SER A 490 20.02 4.03 -18.82
CA SER A 490 21.11 4.24 -19.77
C SER A 490 20.80 5.21 -20.92
N MET A 491 19.53 5.61 -21.08
CA MET A 491 19.17 6.59 -22.11
C MET A 491 19.80 7.94 -21.83
N GLN A 492 20.05 8.70 -22.90
CA GLN A 492 20.60 10.05 -22.83
C GLN A 492 19.59 11.05 -23.38
N PHE A 493 19.58 12.27 -22.83
CA PHE A 493 18.57 13.29 -23.18
C PHE A 493 19.17 14.67 -23.43
N ASP A 494 18.44 15.49 -24.19
CA ASP A 494 18.79 16.88 -24.53
C ASP A 494 20.05 16.97 -25.38
N SER A 530 24.36 20.36 -23.14
CA SER A 530 24.49 19.42 -21.99
C SER A 530 23.52 18.24 -22.11
N ILE A 531 24.07 17.04 -22.31
CA ILE A 531 23.29 15.80 -22.32
C ILE A 531 23.24 15.17 -20.92
N THR A 532 22.06 14.66 -20.54
CA THR A 532 21.87 14.00 -19.23
C THR A 532 21.38 12.58 -19.46
N THR A 533 21.80 11.66 -18.59
CA THR A 533 21.33 10.27 -18.65
C THR A 533 19.98 10.13 -17.95
N GLY A 534 19.40 8.93 -18.01
CA GLY A 534 18.15 8.64 -17.31
C GLY A 534 18.33 8.03 -15.93
N VAL A 535 19.53 8.13 -15.36
CA VAL A 535 19.85 7.43 -14.11
C VAL A 535 19.07 7.96 -12.88
N ASN A 536 18.63 9.22 -12.93
CA ASN A 536 17.82 9.81 -11.86
C ASN A 536 16.32 9.86 -12.13
N ILE A 537 15.87 9.23 -13.23
CA ILE A 537 14.42 9.17 -13.53
C ILE A 537 13.74 8.38 -12.41
N PRO A 538 12.61 8.89 -11.87
CA PRO A 538 11.93 8.13 -10.82
C PRO A 538 11.22 6.89 -11.39
N ILE A 539 11.59 5.72 -10.88
CA ILE A 539 11.02 4.46 -11.35
C ILE A 539 10.60 3.62 -10.15
N ILE A 540 9.47 2.93 -10.28
CA ILE A 540 9.08 1.87 -9.36
C ILE A 540 8.77 0.64 -10.20
N THR A 541 9.45 -0.46 -9.89
CA THR A 541 9.27 -1.73 -10.59
C THR A 541 8.64 -2.76 -9.67
N GLU A 542 7.55 -3.37 -10.15
CA GLU A 542 6.91 -4.48 -9.46
C GLU A 542 7.63 -5.77 -9.82
N LEU A 543 8.10 -6.50 -8.81
CA LEU A 543 8.77 -7.79 -9.01
C LEU A 543 7.89 -8.92 -8.48
N VAL A 544 7.88 -10.05 -9.19
CA VAL A 544 7.27 -11.29 -8.70
C VAL A 544 8.22 -12.01 -7.73
N ASN A 545 9.48 -12.15 -8.12
CA ASN A 545 10.47 -12.87 -7.33
C ASN A 545 11.41 -11.89 -6.62
N ASP A 546 11.29 -11.84 -5.29
CA ASP A 546 12.15 -11.04 -4.39
C ASP A 546 13.62 -11.01 -4.75
N THR A 547 14.14 -12.21 -5.04
CA THR A 547 15.55 -12.43 -5.42
C THR A 547 16.04 -11.53 -6.55
N ASN A 548 15.15 -11.23 -7.49
CA ASN A 548 15.52 -10.40 -8.63
C ASN A 548 15.75 -8.92 -8.32
N VAL A 549 15.45 -8.49 -7.10
CA VAL A 549 15.80 -7.13 -6.64
C VAL A 549 17.31 -6.85 -6.78
N GLN A 550 18.12 -7.89 -6.65
CA GLN A 550 19.58 -7.84 -6.88
C GLN A 550 20.00 -7.17 -8.20
N PHE A 551 19.16 -7.25 -9.24
CA PHE A 551 19.52 -6.78 -10.58
C PHE A 551 19.07 -5.36 -10.90
N LEU A 552 18.31 -4.71 -10.00
CA LEU A 552 17.82 -3.35 -10.28
C LEU A 552 18.88 -2.27 -10.13
N ASP A 553 19.74 -2.38 -9.12
CA ASP A 553 20.81 -1.37 -8.90
C ASP A 553 22.19 -2.01 -9.08
N GLN A 554 23.15 -1.22 -9.55
CA GLN A 554 24.52 -1.72 -9.82
C GLN A 554 25.55 -1.25 -8.78
N ASP A 555 25.12 -0.48 -7.79
CA ASP A 555 26.02 0.12 -6.80
C ASP A 555 25.77 -0.36 -5.35
N ASP A 556 25.18 -1.55 -5.20
CA ASP A 556 24.79 -2.06 -3.88
C ASP A 556 25.30 -3.48 -3.63
N ASP A 557 25.19 -3.92 -2.37
CA ASP A 557 25.58 -5.28 -1.97
C ASP A 557 24.42 -6.24 -2.24
N ASP A 558 24.69 -7.30 -3.00
CA ASP A 558 23.69 -8.29 -3.35
C ASP A 558 23.92 -9.60 -2.58
N ASP A 559 22.84 -10.25 -2.21
CA ASP A 559 22.87 -11.53 -1.50
C ASP A 559 21.46 -12.15 -1.59
N PRO A 560 21.31 -13.34 -2.21
CA PRO A 560 19.98 -13.97 -2.32
C PRO A 560 19.30 -14.31 -0.98
N ASP A 561 20.09 -14.58 0.06
CA ASP A 561 19.56 -14.94 1.38
C ASP A 561 19.06 -13.74 2.21
N THR A 562 19.53 -12.54 1.88
CA THR A 562 19.04 -11.29 2.49
C THR A 562 17.59 -11.03 2.07
N GLU A 563 16.73 -10.75 3.03
CA GLU A 563 15.30 -10.49 2.75
C GLU A 563 15.15 -9.15 2.01
N LEU A 564 14.04 -9.03 1.30
CA LEU A 564 13.75 -7.89 0.42
C LEU A 564 13.93 -6.54 1.13
N TYR A 565 13.43 -6.44 2.37
CA TYR A 565 13.35 -5.17 3.09
C TYR A 565 14.70 -4.51 3.37
N LEU A 566 15.76 -5.31 3.43
CA LEU A 566 17.12 -4.82 3.65
C LEU A 566 17.86 -4.33 2.40
N THR A 567 17.34 -4.64 1.21
CA THR A 567 18.02 -4.28 -0.02
C THR A 567 17.84 -2.81 -0.34
N GLN A 568 18.77 -2.28 -1.14
CA GLN A 568 18.75 -0.87 -1.49
C GLN A 568 17.53 -0.45 -2.33
N PRO A 569 17.17 -1.23 -3.37
CA PRO A 569 15.98 -0.85 -4.12
C PRO A 569 14.69 -0.79 -3.28
N PHE A 570 14.53 -1.69 -2.30
CA PHE A 570 13.38 -1.63 -1.41
C PHE A 570 13.48 -0.45 -0.46
N ALA A 571 14.63 -0.29 0.20
CA ALA A 571 14.87 0.85 1.09
C ALA A 571 14.64 2.22 0.43
N CYS A 572 14.92 2.32 -0.87
CA CYS A 572 14.72 3.55 -1.65
C CYS A 572 13.36 3.68 -2.34
N GLY A 573 12.53 2.65 -2.26
CA GLY A 573 11.19 2.69 -2.81
C GLY A 573 11.14 2.53 -4.32
N THR A 574 12.19 1.96 -4.92
CA THR A 574 12.24 1.74 -6.36
C THR A 574 11.78 0.33 -6.76
N ALA A 575 11.52 -0.54 -5.79
CA ALA A 575 11.02 -1.88 -6.03
C ALA A 575 9.84 -2.17 -5.11
N PHE A 576 8.88 -2.92 -5.62
CA PHE A 576 7.79 -3.44 -4.79
C PHE A 576 7.49 -4.87 -5.21
N ALA A 577 7.07 -5.69 -4.26
CA ALA A 577 6.62 -7.07 -4.58
C ALA A 577 5.41 -7.40 -3.76
N VAL A 578 4.46 -8.12 -4.36
CA VAL A 578 3.24 -8.51 -3.66
C VAL A 578 3.56 -9.36 -2.43
N SER A 579 4.73 -10.01 -2.41
CA SER A 579 5.17 -10.79 -1.26
C SER A 579 5.21 -9.96 0.03
N VAL A 580 5.50 -8.65 -0.06
CA VAL A 580 5.49 -7.82 1.17
C VAL A 580 4.10 -7.74 1.80
N LEU A 581 3.05 -7.93 1.00
CA LEU A 581 1.69 -7.98 1.51
C LEU A 581 1.32 -9.28 2.25
N ASP A 582 2.12 -10.34 2.11
CA ASP A 582 1.87 -11.62 2.83
C ASP A 582 1.75 -11.42 4.33
N SER A 583 2.62 -10.58 4.90
CA SER A 583 2.63 -10.31 6.33
C SER A 583 1.39 -9.55 6.82
N LEU A 584 0.65 -8.92 5.89
CA LEU A 584 -0.63 -8.30 6.21
C LEU A 584 -1.69 -9.30 6.70
N MET A 585 -1.57 -10.56 6.27
CA MET A 585 -2.42 -11.64 6.76
C MET A 585 -2.31 -11.81 8.30
N SER A 586 -1.08 -11.93 8.79
CA SER A 586 -0.82 -12.01 10.24
C SER A 586 -1.21 -10.71 10.95
N ALA A 587 -0.82 -9.57 10.36
CA ALA A 587 -1.16 -8.26 10.92
C ALA A 587 -2.67 -8.10 11.09
N THR A 588 -3.42 -8.53 10.07
CA THR A 588 -4.87 -8.43 10.10
C THR A 588 -5.48 -9.36 11.15
N TYR A 589 -4.95 -10.57 11.28
CA TYR A 589 -5.40 -11.48 12.33
C TYR A 589 -5.29 -10.83 13.73
N PHE A 590 -4.13 -10.28 14.04
CA PHE A 590 -3.92 -9.65 15.36
C PHE A 590 -4.67 -8.33 15.56
N ASN A 591 -4.82 -7.55 14.48
CA ASN A 591 -5.53 -6.28 14.56
C ASN A 591 -6.04 -5.82 13.20
N ASP A 592 -7.30 -6.11 12.91
CA ASP A 592 -7.84 -5.82 11.57
C ASP A 592 -8.13 -4.34 11.31
N ASN A 593 -8.05 -3.50 12.36
CA ASN A 593 -8.07 -2.04 12.19
C ASN A 593 -6.88 -1.55 11.36
N ILE A 594 -5.76 -2.27 11.42
CA ILE A 594 -4.58 -1.92 10.64
C ILE A 594 -4.84 -2.06 9.13
N LEU A 595 -5.54 -3.13 8.74
CA LEU A 595 -5.95 -3.31 7.34
C LEU A 595 -6.86 -2.17 6.89
N THR A 596 -7.85 -1.82 7.73
CA THR A 596 -8.79 -0.76 7.40
C THR A 596 -8.09 0.59 7.20
N LEU A 597 -7.15 0.90 8.08
CA LEU A 597 -6.34 2.12 7.94
C LEU A 597 -5.53 2.12 6.65
N ILE A 598 -4.80 1.03 6.40
CA ILE A 598 -3.96 0.91 5.20
C ILE A 598 -4.80 1.06 3.93
N ARG A 599 -5.91 0.34 3.87
CA ARG A 599 -6.80 0.39 2.71
C ARG A 599 -7.32 1.82 2.47
N THR A 600 -7.77 2.48 3.54
CA THR A 600 -8.25 3.87 3.48
C THR A 600 -7.17 4.80 2.95
N LEU A 601 -5.96 4.67 3.47
CA LEU A 601 -4.84 5.50 3.05
C LEU A 601 -4.49 5.29 1.58
N VAL A 602 -4.31 4.05 1.15
CA VAL A 602 -3.78 3.79 -0.20
C VAL A 602 -4.81 3.86 -1.34
N THR A 603 -6.10 3.64 -1.06
CA THR A 603 -7.13 3.67 -2.09
C THR A 603 -7.70 5.07 -2.36
N GLY A 604 -7.36 6.05 -1.51
CA GLY A 604 -7.96 7.38 -1.56
C GLY A 604 -9.29 7.51 -0.82
N GLY A 605 -9.68 6.48 -0.06
CA GLY A 605 -10.88 6.51 0.79
C GLY A 605 -12.06 5.75 0.20
N ALA A 606 -12.95 5.29 1.08
CA ALA A 606 -14.14 4.51 0.68
C ALA A 606 -15.27 4.70 1.68
N GLU A 611 -18.34 1.70 -2.44
CA GLU A 611 -18.16 0.27 -2.01
C GLU A 611 -19.41 -0.58 -2.18
N ALA A 612 -20.56 -0.11 -1.69
CA ALA A 612 -21.84 -0.78 -1.88
C ALA A 612 -22.31 -0.66 -3.34
N LEU A 613 -22.22 0.56 -3.88
CA LEU A 613 -22.58 0.82 -5.28
C LEU A 613 -21.63 0.14 -6.26
N ILE A 614 -20.34 0.07 -5.91
CA ILE A 614 -19.32 -0.59 -6.74
C ILE A 614 -19.48 -2.12 -6.66
N ALA A 615 -19.87 -2.63 -5.50
CA ALA A 615 -20.13 -4.08 -5.33
C ALA A 615 -21.22 -4.62 -6.26
N GLU A 616 -22.26 -3.82 -6.49
CA GLU A 616 -23.38 -4.21 -7.35
C GLU A 616 -23.04 -3.98 -8.84
N GLU A 617 -22.67 -2.76 -9.18
CA GLU A 617 -22.50 -2.35 -10.59
C GLU A 617 -21.10 -2.65 -11.19
N ASN A 618 -20.08 -2.81 -10.34
CA ASN A 618 -18.67 -2.93 -10.76
C ASN A 618 -18.21 -1.78 -11.66
N ALA A 619 -18.66 -0.57 -11.31
CA ALA A 619 -18.35 0.63 -12.07
C ALA A 619 -18.65 1.85 -11.21
N LEU A 620 -17.86 2.91 -11.37
CA LEU A 620 -18.14 4.19 -10.75
C LEU A 620 -19.24 4.86 -11.55
N ARG A 621 -20.40 5.04 -10.92
CA ARG A 621 -21.48 5.81 -11.50
C ARG A 621 -21.17 7.27 -11.28
N GLY A 622 -21.43 8.10 -12.30
CA GLY A 622 -21.32 9.55 -12.17
C GLY A 622 -22.49 10.11 -11.37
N GLY A 623 -22.31 11.32 -10.85
CA GLY A 623 -23.37 11.99 -10.09
C GLY A 623 -23.17 13.48 -10.07
N TYR A 624 -24.26 14.21 -9.88
CA TYR A 624 -24.22 15.67 -9.75
C TYR A 624 -23.66 16.05 -8.39
N SER A 625 -22.96 17.18 -8.34
CA SER A 625 -22.40 17.68 -7.08
C SER A 625 -23.51 18.34 -6.23
N THR A 626 -23.49 18.04 -4.94
CA THR A 626 -24.31 18.73 -3.93
C THR A 626 -23.36 19.29 -2.86
N PRO A 627 -23.88 20.03 -1.88
CA PRO A 627 -23.05 20.36 -0.70
C PRO A 627 -22.46 19.13 0.01
N GLN A 628 -23.24 18.05 0.09
CA GLN A 628 -22.88 16.85 0.84
C GLN A 628 -21.78 16.05 0.13
N THR A 629 -21.90 15.91 -1.20
CA THR A 629 -20.88 15.20 -2.00
C THR A 629 -19.57 16.00 -2.10
N LEU A 630 -19.68 17.32 -2.23
CA LEU A 630 -18.50 18.20 -2.24
C LEU A 630 -17.74 18.22 -0.90
N ALA A 631 -18.44 18.04 0.22
CA ALA A 631 -17.78 17.94 1.53
C ALA A 631 -16.85 16.71 1.65
N ASN A 632 -17.13 15.65 0.88
CA ASN A 632 -16.24 14.49 0.83
C ASN A 632 -14.87 14.75 0.21
N ARG A 633 -14.71 15.86 -0.51
CA ARG A 633 -13.39 16.28 -1.00
C ARG A 633 -12.42 16.65 0.11
N ASP A 634 -12.94 17.06 1.27
CA ASP A 634 -12.14 17.61 2.34
C ASP A 634 -11.53 16.50 3.20
N ARG A 635 -10.47 15.90 2.69
CA ARG A 635 -9.70 14.91 3.42
C ARG A 635 -8.25 15.01 2.97
N CYS A 636 -7.36 14.59 3.84
CA CYS A 636 -5.92 14.72 3.59
C CYS A 636 -5.42 13.86 2.44
N ARG A 637 -4.34 14.32 1.84
CA ARG A 637 -3.63 13.64 0.77
C ARG A 637 -2.19 13.44 1.19
N VAL A 638 -1.58 12.41 0.63
CA VAL A 638 -0.15 12.15 0.73
C VAL A 638 0.59 13.18 -0.09
N ALA A 639 1.70 13.69 0.45
CA ALA A 639 2.57 14.63 -0.25
C ALA A 639 3.99 14.56 0.29
N GLN A 640 4.91 15.21 -0.42
CA GLN A 640 6.30 15.29 -0.03
C GLN A 640 6.72 16.77 0.03
N LEU A 641 7.31 17.18 1.17
CA LEU A 641 7.70 18.56 1.43
C LEU A 641 9.22 18.73 1.21
N ALA A 642 9.62 19.73 0.43
CA ALA A 642 11.04 20.06 0.22
C ALA A 642 11.47 21.19 1.16
N LEU A 643 12.77 21.25 1.45
CA LEU A 643 13.31 22.19 2.45
C LEU A 643 14.33 23.18 1.89
N LEU A 644 14.40 23.33 0.56
CA LEU A 644 15.41 24.19 -0.07
C LEU A 644 15.07 25.67 0.10
N ASP A 645 13.78 25.99 0.04
CA ASP A 645 13.30 27.35 0.30
C ASP A 645 11.94 27.24 0.98
N GLY A 646 11.28 28.38 1.19
CA GLY A 646 9.95 28.38 1.81
C GLY A 646 10.03 28.29 3.32
N PRO A 647 8.86 28.21 3.98
CA PRO A 647 8.83 28.38 5.45
C PRO A 647 9.61 27.34 6.28
N PHE A 648 9.94 26.19 5.72
CA PHE A 648 10.68 25.16 6.47
C PHE A 648 12.19 25.13 6.17
N ALA A 649 12.68 26.07 5.36
CA ALA A 649 14.10 26.07 4.95
C ALA A 649 15.09 26.34 6.09
N ASP A 650 14.75 27.24 7.00
CA ASP A 650 15.61 27.50 8.19
C ASP A 650 15.78 26.22 9.03
N LEU A 651 14.68 25.51 9.29
CA LEU A 651 14.74 24.22 9.98
C LEU A 651 15.49 23.16 9.17
N GLY A 652 15.32 23.17 7.85
CA GLY A 652 16.06 22.27 6.98
C GLY A 652 17.56 22.36 7.17
N ASP A 653 18.06 23.57 7.44
CA ASP A 653 19.48 23.81 7.61
C ASP A 653 19.93 23.51 9.05
N GLY A 654 20.02 22.23 9.37
CA GLY A 654 20.53 21.78 10.67
C GLY A 654 19.59 21.91 11.85
N GLY A 655 18.32 22.26 11.62
CA GLY A 655 17.31 22.24 12.67
C GLY A 655 16.93 20.81 13.02
N CYS A 656 15.98 20.66 13.96
CA CYS A 656 15.56 19.33 14.38
C CYS A 656 14.15 18.98 13.86
N TYR A 657 13.94 17.69 13.61
CA TYR A 657 12.70 17.19 13.02
C TYR A 657 11.46 17.59 13.84
N GLY A 658 11.57 17.47 15.16
CA GLY A 658 10.48 17.79 16.07
C GLY A 658 9.93 19.19 15.95
N ASP A 659 10.82 20.18 15.79
CA ASP A 659 10.41 21.56 15.55
C ASP A 659 9.68 21.70 14.22
N LEU A 660 10.16 21.01 13.19
CA LEU A 660 9.45 20.98 11.91
C LEU A 660 8.07 20.34 12.07
N PHE A 661 8.00 19.21 12.77
CA PHE A 661 6.74 18.49 12.98
C PHE A 661 5.70 19.37 13.65
N CYS A 662 6.09 20.01 14.76
CA CYS A 662 5.18 20.88 15.51
C CYS A 662 4.73 22.08 14.71
N LYS A 663 5.66 22.72 13.99
CA LYS A 663 5.33 23.87 13.13
C LYS A 663 4.34 23.50 12.01
N ALA A 664 4.60 22.39 11.34
CA ALA A 664 3.73 21.90 10.27
C ALA A 664 2.32 21.61 10.78
N LEU A 665 2.27 20.94 11.93
CA LEU A 665 1.02 20.56 12.53
C LEU A 665 0.22 21.77 13.03
N LYS A 666 0.86 22.64 13.81
CA LYS A 666 0.17 23.83 14.37
C LYS A 666 -0.33 24.80 13.32
N THR A 667 0.57 25.15 12.40
CA THR A 667 0.32 26.21 11.43
C THR A 667 -0.53 25.73 10.26
N TYR A 668 -0.27 24.53 9.75
CA TYR A 668 -0.98 24.01 8.56
C TYR A 668 -1.88 22.79 8.78
N ASN A 669 -1.88 22.21 9.98
CA ASN A 669 -2.51 20.89 10.22
C ASN A 669 -1.96 19.86 9.22
N MET A 670 -0.66 19.98 8.96
CA MET A 670 0.09 19.09 8.09
C MET A 670 0.85 18.17 9.02
N LEU A 671 0.66 16.85 8.83
CA LEU A 671 1.23 15.83 9.70
C LEU A 671 2.38 15.15 8.99
N CYS A 672 3.58 15.27 9.55
CA CYS A 672 4.78 14.68 8.98
C CYS A 672 5.01 13.31 9.60
N PHE A 673 5.40 12.33 8.80
CA PHE A 673 5.62 10.98 9.32
C PHE A 673 6.95 10.34 8.93
N GLY A 674 7.82 11.10 8.27
CA GLY A 674 9.17 10.61 8.00
C GLY A 674 9.96 11.48 7.07
N ILE A 675 11.18 11.03 6.78
CA ILE A 675 12.10 11.73 5.89
C ILE A 675 12.47 10.79 4.73
N TYR A 676 12.62 11.35 3.55
CA TYR A 676 13.17 10.67 2.39
C TYR A 676 14.51 11.34 2.13
N ARG A 677 15.59 10.71 2.60
CA ARG A 677 16.92 11.32 2.64
C ARG A 677 17.83 10.74 1.57
N LEU A 678 18.63 11.63 0.95
CA LEU A 678 19.67 11.22 0.00
C LEU A 678 20.59 10.20 0.65
N ARG A 679 20.82 9.09 -0.05
CA ARG A 679 21.71 8.03 0.43
C ARG A 679 23.10 8.57 0.76
N ASP A 680 23.59 9.49 -0.07
CA ASP A 680 24.89 10.13 0.08
C ASP A 680 24.75 11.57 0.60
N ALA A 681 24.03 11.73 1.70
CA ALA A 681 23.79 13.07 2.27
C ALA A 681 25.02 13.57 3.04
N PRO A 686 30.58 14.99 -1.61
CA PRO A 686 30.43 15.10 -3.06
C PRO A 686 29.90 13.81 -3.71
N SER A 687 28.71 13.89 -4.31
CA SER A 687 28.08 12.73 -4.97
C SER A 687 27.00 13.18 -5.96
N GLN A 688 26.94 12.50 -7.11
CA GLN A 688 25.93 12.84 -8.14
C GLN A 688 24.68 11.97 -7.95
N CYS A 689 24.76 10.94 -7.10
CA CYS A 689 23.65 10.04 -6.84
C CYS A 689 22.50 10.77 -6.11
N THR A 690 21.31 10.77 -6.72
CA THR A 690 20.12 11.34 -6.07
C THR A 690 19.15 10.27 -5.51
N LYS A 691 19.63 9.04 -5.29
CA LYS A 691 18.83 8.00 -4.65
C LYS A 691 18.54 8.41 -3.20
N ARG A 692 17.31 8.17 -2.76
CA ARG A 692 16.87 8.51 -1.41
C ARG A 692 16.29 7.29 -0.72
N TYR A 693 16.44 7.21 0.61
CA TYR A 693 15.93 6.10 1.41
C TYR A 693 14.96 6.61 2.47
N VAL A 694 14.10 5.71 2.96
CA VAL A 694 13.02 6.05 3.87
C VAL A 694 13.49 6.03 5.33
N ILE A 695 13.19 7.10 6.06
CA ILE A 695 13.38 7.15 7.53
C ILE A 695 12.02 7.45 8.19
N THR A 696 11.39 6.39 8.70
CA THR A 696 10.06 6.50 9.31
C THR A 696 10.11 7.00 10.75
N ASN A 697 9.22 7.92 11.10
CA ASN A 697 8.98 8.33 12.48
C ASN A 697 10.27 8.69 13.24
N PRO A 698 11.05 9.66 12.75
CA PRO A 698 12.30 9.99 13.44
C PRO A 698 12.04 10.76 14.73
N PRO A 699 12.99 10.70 15.70
CA PRO A 699 12.77 11.36 16.99
C PRO A 699 12.85 12.89 16.90
N TYR A 700 12.35 13.56 17.95
CA TYR A 700 12.36 15.03 18.03
C TYR A 700 13.71 15.64 17.62
N GLU A 701 14.77 15.10 18.19
CA GLU A 701 16.12 15.67 18.05
C GLU A 701 16.83 15.33 16.74
N PHE A 702 16.22 14.51 15.88
CA PHE A 702 16.83 14.10 14.63
C PHE A 702 17.14 15.31 13.76
N GLU A 703 18.40 15.42 13.31
CA GLU A 703 18.89 16.63 12.66
C GLU A 703 18.58 16.60 11.15
N LEU A 704 17.95 17.66 10.67
CA LEU A 704 17.58 17.80 9.26
C LEU A 704 18.74 18.33 8.42
N VAL A 705 18.72 18.01 7.13
CA VAL A 705 19.63 18.60 6.15
C VAL A 705 18.81 19.26 5.06
N PRO A 706 19.37 20.29 4.38
CA PRO A 706 18.58 21.07 3.41
C PRO A 706 17.99 20.27 2.25
N THR A 707 18.64 19.18 1.85
CA THR A 707 18.19 18.32 0.74
C THR A 707 17.08 17.30 1.13
N ASP A 708 16.77 17.15 2.42
CA ASP A 708 15.73 16.22 2.89
C ASP A 708 14.37 16.54 2.31
N LEU A 709 13.61 15.50 2.00
CA LEU A 709 12.19 15.61 1.70
C LEU A 709 11.41 14.99 2.86
N ILE A 710 10.28 15.57 3.20
CA ILE A 710 9.47 15.11 4.33
C ILE A 710 8.18 14.47 3.81
N PHE A 711 7.88 13.26 4.28
CA PHE A 711 6.60 12.59 4.00
C PHE A 711 5.54 13.27 4.85
N CYS A 712 4.44 13.68 4.24
CA CYS A 712 3.38 14.30 5.02
C CYS A 712 1.99 14.11 4.45
N LEU A 713 1.03 14.38 5.33
CA LEU A 713 -0.37 14.41 4.99
C LEU A 713 -0.80 15.87 5.06
N MET A 714 -1.31 16.38 3.93
CA MET A 714 -1.73 17.77 3.80
C MET A 714 -3.25 17.88 3.72
N GLN A 715 -3.81 18.90 4.37
CA GLN A 715 -5.24 19.18 4.30
C GLN A 715 -5.65 19.57 2.88
N PHE A 716 -6.86 19.21 2.50
CA PHE A 716 -7.48 19.74 1.29
C PHE A 716 -7.66 21.24 1.49
N ASP A 717 -7.39 22.01 0.44
CA ASP A 717 -7.57 23.47 0.47
C ASP A 717 -8.52 23.85 -0.67
N SER A 718 -9.78 24.07 -0.32
CA SER A 718 -10.84 24.36 -1.32
C SER A 718 -10.57 25.61 -2.15
N ASN A 719 -9.99 26.63 -1.52
CA ASN A 719 -9.73 27.90 -2.20
C ASN A 719 -8.40 27.96 -2.95
N SER A 720 -7.67 26.84 -3.03
CA SER A 720 -6.39 26.79 -3.75
C SER A 720 -6.55 27.01 -5.26
N LEU A 721 -5.69 27.85 -5.82
CA LEU A 721 -5.76 28.25 -7.22
C LEU A 721 -4.41 28.79 -7.70
#